data_8AZA
#
_entry.id   8AZA
#
_cell.length_a   1.00
_cell.length_b   1.00
_cell.length_c   1.00
_cell.angle_alpha   90.00
_cell.angle_beta   90.00
_cell.angle_gamma   90.00
#
_symmetry.space_group_name_H-M   'P 1'
#
loop_
_entity.id
_entity.type
_entity.pdbx_description
1 polymer 'E3 ubiquitin-protein ligase XIAP'
2 polymer 'Receptor-interacting serine/threonine-protein kinase 2'
3 non-polymer 'ZINC ION'
#
loop_
_entity_poly.entity_id
_entity_poly.type
_entity_poly.pdbx_seq_one_letter_code
_entity_poly.pdbx_strand_id
1 'polypeptide(L)'
;YPRNPAMYSEEARLKSFQNWPDYAHLTPRELASAGLYYTGIGDQVQCFCCGGKLKNWEPCDRAWSEHRRHFPNCFFVLGR
NLNIRSE
;
C
2 'polypeptide(L)'
;MNGEAICSALPTIPYHKLADLRYLSRGASGTVSSARHADWRVQVAVKHLHIHTPLLDSERKDVLREAEILHKARFSYILP
ILGICNEPEFLGIVTEYMPNGSLNELLHRKTEYPDVAWPLRFRILHEIALGVNYLHNMTPPLLHHDLKTQNILLDNEFHV
KIADFGLSKWRMMSLSQSRSSKSAPEGGTIIYMPPENYEPGQKSRASIKHDIYSYAVITWEVLSRKQPFEDVTNPLQIMY
SVSQGHRPVINEESLPYDIPHRARMISLIESGWAQNPDERPSFLKCLIELEPVLRTFEEITFLEAVIQLKKTKLQSV
;
A,B
#
loop_
_chem_comp.id
_chem_comp.type
_chem_comp.name
_chem_comp.formula
ZN non-polymer 'ZINC ION' 'Zn 2'
#
# COMPACT_ATOMS: atom_id res chain seq x y z
N ALA A 6 -35.75 17.45 29.34
CA ALA A 6 -35.11 16.16 29.52
C ALA A 6 -33.72 16.12 28.87
N MET A 7 -33.51 16.92 27.83
CA MET A 7 -32.24 16.89 27.10
C MET A 7 -31.08 17.29 27.99
N TYR A 8 -31.34 18.02 29.08
CA TYR A 8 -30.27 18.40 30.00
C TYR A 8 -29.61 17.17 30.61
N SER A 9 -30.42 16.18 31.00
CA SER A 9 -29.88 14.97 31.59
C SER A 9 -28.97 14.25 30.60
N GLU A 10 -27.82 13.78 31.10
CA GLU A 10 -26.86 13.09 30.25
C GLU A 10 -27.42 11.78 29.71
N GLU A 11 -28.27 11.12 30.50
CA GLU A 11 -28.89 9.89 30.03
C GLU A 11 -29.74 10.12 28.79
N ALA A 12 -30.34 11.30 28.67
CA ALA A 12 -31.10 11.62 27.46
C ALA A 12 -30.19 11.66 26.23
N ARG A 13 -29.02 12.29 26.36
CA ARG A 13 -28.07 12.29 25.25
C ARG A 13 -27.59 10.87 24.95
N LEU A 14 -27.33 10.09 25.99
CA LEU A 14 -26.86 8.71 25.79
C LEU A 14 -27.90 7.87 25.05
N LYS A 15 -29.18 8.00 25.41
CA LYS A 15 -30.21 7.23 24.73
C LYS A 15 -30.50 7.79 23.34
N SER A 16 -30.26 9.09 23.12
CA SER A 16 -30.35 9.64 21.79
C SER A 16 -29.18 9.20 20.91
N PHE A 17 -28.09 8.74 21.52
CA PHE A 17 -26.94 8.23 20.79
C PHE A 17 -27.09 6.78 20.36
N GLN A 18 -28.31 6.25 20.39
CA GLN A 18 -28.54 4.88 19.94
C GLN A 18 -28.31 4.78 18.43
N ASN A 19 -28.08 3.55 17.96
CA ASN A 19 -27.79 3.22 16.57
C ASN A 19 -26.61 4.02 16.01
N TRP A 20 -25.74 4.50 16.89
CA TRP A 20 -24.56 5.23 16.45
C TRP A 20 -23.68 4.32 15.60
N PRO A 21 -23.23 4.78 14.44
CA PRO A 21 -22.43 3.91 13.56
C PRO A 21 -21.09 3.57 14.20
N ASP A 22 -20.59 2.37 13.86
CA ASP A 22 -19.35 1.87 14.44
C ASP A 22 -18.10 2.56 13.91
N TYR A 23 -18.20 3.34 12.84
CA TYR A 23 -17.04 4.00 12.28
C TYR A 23 -16.77 5.37 12.89
N ALA A 24 -17.63 5.83 13.80
CA ALA A 24 -17.42 7.12 14.43
C ALA A 24 -16.18 7.09 15.32
N HIS A 25 -15.44 8.19 15.31
CA HIS A 25 -14.20 8.30 16.06
C HIS A 25 -14.40 8.77 17.49
N LEU A 26 -15.60 9.18 17.86
CA LEU A 26 -15.88 9.70 19.20
C LEU A 26 -16.95 8.84 19.86
N THR A 27 -16.64 8.33 21.05
CA THR A 27 -17.59 7.50 21.75
C THR A 27 -18.75 8.35 22.29
N PRO A 28 -20.00 7.87 22.14
CA PRO A 28 -21.16 8.58 22.67
C PRO A 28 -20.96 9.26 24.02
N ARG A 29 -20.20 8.62 24.91
CA ARG A 29 -19.93 9.20 26.22
C ARG A 29 -19.15 10.50 26.10
N GLU A 30 -18.18 10.55 25.18
CA GLU A 30 -17.39 11.76 25.01
C GLU A 30 -18.26 12.91 24.51
N LEU A 31 -19.15 12.64 23.55
CA LEU A 31 -20.08 13.66 23.09
C LEU A 31 -21.03 14.09 24.20
N ALA A 32 -21.51 13.15 25.00
CA ALA A 32 -22.41 13.49 26.10
C ALA A 32 -21.71 14.40 27.10
N SER A 33 -20.45 14.12 27.40
CA SER A 33 -19.67 15.03 28.24
C SER A 33 -19.51 16.37 27.56
N ALA A 34 -19.36 16.37 26.23
CA ALA A 34 -19.31 17.61 25.47
C ALA A 34 -20.65 18.31 25.39
N GLY A 35 -21.72 17.67 25.83
CA GLY A 35 -23.04 18.28 25.82
C GLY A 35 -23.79 18.19 24.50
N LEU A 36 -23.47 17.21 23.67
CA LEU A 36 -24.10 17.05 22.37
C LEU A 36 -25.04 15.84 22.38
N TYR A 37 -25.96 15.82 21.43
CA TYR A 37 -26.91 14.72 21.31
C TYR A 37 -26.99 14.27 19.85
N TYR A 38 -27.64 13.14 19.62
CA TYR A 38 -27.77 12.62 18.26
C TYR A 38 -29.22 12.69 17.79
N THR A 39 -29.43 13.34 16.67
CA THR A 39 -30.76 13.49 16.10
C THR A 39 -31.37 12.15 15.70
N GLY A 40 -30.55 11.28 15.13
CA GLY A 40 -30.99 9.97 14.70
C GLY A 40 -30.64 9.75 13.24
N ILE A 41 -30.49 10.84 12.51
CA ILE A 41 -30.14 10.79 11.08
C ILE A 41 -28.64 10.95 10.94
N GLY A 42 -27.99 9.94 10.33
CA GLY A 42 -26.58 10.03 10.03
C GLY A 42 -25.72 10.22 11.27
N ASP A 43 -24.78 11.17 11.17
CA ASP A 43 -23.90 11.52 12.28
C ASP A 43 -24.15 12.94 12.77
N GLN A 44 -25.35 13.47 12.56
CA GLN A 44 -25.65 14.84 12.92
C GLN A 44 -25.79 14.97 14.44
N VAL A 45 -25.09 15.95 15.01
CA VAL A 45 -25.10 16.18 16.46
C VAL A 45 -25.25 17.68 16.68
N GLN A 46 -25.71 18.03 17.88
CA GLN A 46 -25.95 19.43 18.20
C GLN A 46 -25.90 19.61 19.72
N CYS A 47 -25.59 20.82 20.15
CA CYS A 47 -25.49 21.16 21.56
C CYS A 47 -26.77 21.86 22.02
N PHE A 48 -27.12 21.64 23.29
CA PHE A 48 -28.33 22.22 23.85
C PHE A 48 -28.25 23.73 24.03
N CYS A 49 -27.06 24.31 23.99
CA CYS A 49 -26.90 25.74 24.21
C CYS A 49 -27.18 26.56 22.95
N CYS A 50 -26.53 26.21 21.84
CA CYS A 50 -26.72 26.92 20.58
C CYS A 50 -27.69 26.22 19.64
N GLY A 51 -27.74 24.89 19.67
CA GLY A 51 -28.48 24.14 18.69
C GLY A 51 -27.74 23.94 17.38
N GLY A 52 -26.51 24.44 17.26
CA GLY A 52 -25.74 24.29 16.05
C GLY A 52 -25.45 22.83 15.72
N LYS A 53 -25.72 22.45 14.47
CA LYS A 53 -25.55 21.08 14.03
C LYS A 53 -24.14 20.90 13.50
N LEU A 54 -23.46 19.85 13.95
CA LEU A 54 -22.08 19.58 13.57
C LEU A 54 -22.01 18.32 12.73
N LYS A 55 -21.15 18.35 11.72
CA LYS A 55 -20.97 17.24 10.80
C LYS A 55 -19.50 17.21 10.39
N ASN A 56 -19.18 16.48 9.32
CA ASN A 56 -17.84 16.33 8.77
C ASN A 56 -16.79 16.15 9.88
N TRP A 57 -16.95 15.04 10.59
CA TRP A 57 -16.10 14.73 11.74
C TRP A 57 -14.62 14.81 11.38
N GLU A 58 -13.86 15.49 12.23
CA GLU A 58 -12.40 15.47 12.13
C GLU A 58 -11.87 14.37 13.03
N PRO A 59 -11.17 13.36 12.48
CA PRO A 59 -10.79 12.21 13.30
C PRO A 59 -9.92 12.56 14.50
N CYS A 60 -9.03 13.53 14.37
CA CYS A 60 -8.12 13.88 15.46
C CYS A 60 -8.67 14.95 16.39
N ASP A 61 -9.71 15.67 15.97
CA ASP A 61 -10.27 16.74 16.79
C ASP A 61 -11.29 16.17 17.76
N ARG A 62 -11.26 16.68 18.99
CA ARG A 62 -12.21 16.29 20.01
C ARG A 62 -13.45 17.18 19.94
N ALA A 63 -14.56 16.66 20.46
CA ALA A 63 -15.83 17.38 20.39
C ALA A 63 -15.76 18.70 21.16
N TRP A 64 -15.13 18.70 22.33
CA TRP A 64 -15.00 19.92 23.11
C TRP A 64 -14.21 20.98 22.34
N SER A 65 -13.09 20.57 21.74
CA SER A 65 -12.25 21.52 21.02
C SER A 65 -12.99 22.11 19.82
N GLU A 66 -13.69 21.27 19.06
CA GLU A 66 -14.36 21.78 17.87
C GLU A 66 -15.59 22.62 18.24
N HIS A 67 -16.27 22.27 19.33
CA HIS A 67 -17.37 23.11 19.79
C HIS A 67 -16.86 24.47 20.24
N ARG A 68 -15.71 24.49 20.94
CA ARG A 68 -15.13 25.77 21.35
C ARG A 68 -14.71 26.59 20.14
N ARG A 69 -14.08 25.95 19.15
CA ARG A 69 -13.60 26.68 17.98
C ARG A 69 -14.75 27.22 17.15
N HIS A 70 -15.71 26.36 16.81
CA HIS A 70 -16.81 26.78 15.93
C HIS A 70 -17.75 27.74 16.64
N PHE A 71 -18.14 27.42 17.88
CA PHE A 71 -19.12 28.21 18.63
C PHE A 71 -18.55 28.55 19.99
N PRO A 72 -17.71 29.59 20.07
CA PRO A 72 -17.22 30.05 21.38
C PRO A 72 -18.27 30.78 22.20
N ASN A 73 -19.49 30.93 21.69
CA ASN A 73 -20.57 31.60 22.41
C ASN A 73 -21.39 30.64 23.25
N CYS A 74 -20.95 29.38 23.37
CA CYS A 74 -21.66 28.40 24.17
C CYS A 74 -21.77 28.87 25.62
N PHE A 75 -22.98 28.81 26.17
CA PHE A 75 -23.12 28.94 27.61
C PHE A 75 -22.52 27.75 28.32
N PHE A 76 -22.60 26.56 27.71
CA PHE A 76 -22.00 25.37 28.29
C PHE A 76 -20.48 25.52 28.37
N VAL A 77 -19.86 26.01 27.30
CA VAL A 77 -18.42 26.23 27.31
C VAL A 77 -18.06 27.37 28.26
N LEU A 78 -18.88 28.42 28.30
CA LEU A 78 -18.62 29.53 29.19
C LEU A 78 -18.61 29.08 30.66
N GLY A 79 -19.57 28.23 31.03
CA GLY A 79 -19.51 27.62 32.35
C GLY A 79 -18.33 26.69 32.51
N ARG A 80 -17.98 25.98 31.44
CA ARG A 80 -16.80 25.10 31.48
C ARG A 80 -15.53 25.89 31.70
N ASN A 81 -15.39 27.02 31.02
CA ASN A 81 -14.21 27.87 31.16
C ASN A 81 -14.28 28.70 32.44
N SER B 8 11.87 8.70 11.70
CA SER B 8 12.32 7.54 12.45
C SER B 8 11.34 7.18 13.55
N ALA B 9 10.06 7.50 13.34
CA ALA B 9 9.01 7.23 14.32
C ALA B 9 7.88 6.45 13.66
N LEU B 10 7.38 5.46 14.38
CA LEU B 10 6.33 4.57 13.88
C LEU B 10 5.05 4.85 14.66
N PRO B 11 4.04 5.46 14.06
CA PRO B 11 2.80 5.76 14.79
C PRO B 11 2.07 4.49 15.23
N THR B 12 1.45 4.59 16.40
CA THR B 12 0.69 3.48 16.97
C THR B 12 -0.79 3.60 16.60
N ILE B 13 -1.50 2.50 16.80
CA ILE B 13 -2.92 2.40 16.43
C ILE B 13 -3.71 1.98 17.67
N PRO B 14 -4.62 2.81 18.17
CA PRO B 14 -5.50 2.37 19.25
C PRO B 14 -6.45 1.28 18.78
N TYR B 15 -6.82 0.39 19.70
CA TYR B 15 -7.67 -0.74 19.36
C TYR B 15 -9.10 -0.31 19.06
N HIS B 16 -9.53 0.86 19.53
CA HIS B 16 -10.92 1.27 19.31
C HIS B 16 -11.15 1.71 17.87
N LYS B 17 -10.10 2.16 17.19
CA LYS B 17 -10.22 2.60 15.80
C LYS B 17 -10.41 1.40 14.89
N LEU B 18 -9.55 0.39 15.06
CA LEU B 18 -9.63 -0.82 14.26
C LEU B 18 -10.90 -1.59 14.59
N ALA B 19 -11.48 -2.24 13.58
CA ALA B 19 -12.71 -3.00 13.78
C ALA B 19 -12.72 -4.21 12.85
N ASP B 20 -13.64 -5.13 13.15
CA ASP B 20 -13.90 -6.31 12.31
C ASP B 20 -12.68 -7.22 12.20
N LEU B 21 -12.28 -7.80 13.32
CA LEU B 21 -11.22 -8.79 13.32
C LEU B 21 -11.71 -10.07 12.65
N ARG B 22 -11.04 -10.47 11.57
CA ARG B 22 -11.40 -11.66 10.82
C ARG B 22 -10.23 -12.63 10.74
N TYR B 23 -10.47 -13.88 11.09
CA TYR B 23 -9.42 -14.89 11.14
C TYR B 23 -8.95 -15.27 9.74
N LEU B 24 -7.63 -15.32 9.56
CA LEU B 24 -7.03 -15.87 8.33
C LEU B 24 -6.20 -17.11 8.60
N SER B 25 -5.18 -17.03 9.46
CA SER B 25 -4.26 -18.15 9.67
C SER B 25 -3.44 -17.87 10.92
N ARG B 26 -2.59 -18.84 11.26
CA ARG B 26 -1.69 -18.75 12.41
C ARG B 26 -0.26 -18.98 11.92
N GLY B 27 0.57 -17.94 12.02
CA GLY B 27 1.96 -18.05 11.63
C GLY B 27 2.87 -18.31 12.81
N ALA B 28 4.17 -18.34 12.52
CA ALA B 28 5.16 -18.57 13.56
C ALA B 28 5.27 -17.37 14.50
N SER B 29 5.25 -16.16 13.94
CA SER B 29 5.41 -14.94 14.72
C SER B 29 4.08 -14.32 15.14
N GLY B 30 2.96 -14.97 14.85
CA GLY B 30 1.67 -14.44 15.23
C GLY B 30 0.55 -15.21 14.56
N THR B 31 -0.65 -14.71 14.76
CA THR B 31 -1.86 -15.30 14.18
C THR B 31 -2.43 -14.32 13.16
N VAL B 32 -2.34 -14.69 11.88
CA VAL B 32 -2.74 -13.77 10.81
C VAL B 32 -4.24 -13.53 10.88
N SER B 33 -4.64 -12.27 10.76
CA SER B 33 -6.04 -11.89 10.75
C SER B 33 -6.23 -10.67 9.86
N SER B 34 -7.46 -10.48 9.39
CA SER B 34 -7.79 -9.34 8.57
C SER B 34 -8.82 -8.48 9.28
N ALA B 35 -8.83 -7.20 8.94
CA ALA B 35 -9.74 -6.26 9.58
C ALA B 35 -9.97 -5.07 8.67
N ARG B 36 -11.02 -4.33 8.98
CA ARG B 36 -11.35 -3.09 8.28
C ARG B 36 -11.13 -1.94 9.25
N HIS B 37 -10.12 -1.13 8.97
CA HIS B 37 -9.81 0.01 9.84
C HIS B 37 -10.89 1.05 9.69
N ALA B 38 -11.73 1.21 10.73
CA ALA B 38 -12.93 2.02 10.60
C ALA B 38 -12.62 3.49 10.36
N ASP B 39 -11.64 4.04 11.08
CA ASP B 39 -11.36 5.47 10.96
C ASP B 39 -10.86 5.83 9.57
N TRP B 40 -9.98 5.00 9.00
CA TRP B 40 -9.42 5.26 7.69
C TRP B 40 -10.23 4.65 6.55
N ARG B 41 -11.25 3.83 6.86
CA ARG B 41 -12.04 3.13 5.85
C ARG B 41 -11.13 2.32 4.93
N VAL B 42 -10.20 1.57 5.53
CA VAL B 42 -9.29 0.70 4.80
C VAL B 42 -9.37 -0.69 5.40
N GLN B 43 -9.49 -1.70 4.54
CA GLN B 43 -9.30 -3.06 5.00
C GLN B 43 -7.83 -3.26 5.35
N VAL B 44 -7.57 -3.67 6.59
CA VAL B 44 -6.20 -3.76 7.11
C VAL B 44 -6.03 -5.10 7.80
N ALA B 45 -5.06 -5.88 7.34
CA ALA B 45 -4.77 -7.17 7.96
C ALA B 45 -3.94 -6.99 9.21
N VAL B 46 -3.91 -8.03 10.05
CA VAL B 46 -3.21 -7.99 11.33
C VAL B 46 -2.64 -9.37 11.64
N LYS B 47 -1.75 -9.40 12.63
CA LYS B 47 -1.19 -10.65 13.14
C LYS B 47 -0.93 -10.45 14.62
N HIS B 48 -1.07 -11.53 15.41
CA HIS B 48 -1.00 -11.40 16.85
C HIS B 48 -0.67 -12.76 17.46
N LEU B 49 0.35 -12.80 18.32
CA LEU B 49 0.66 -14.03 19.04
C LEU B 49 -0.47 -14.43 19.98
N HIS B 50 -0.99 -13.47 20.75
CA HIS B 50 -1.99 -13.72 21.77
C HIS B 50 -3.06 -12.65 21.75
N ILE B 51 -4.21 -12.98 22.31
CA ILE B 51 -5.36 -12.07 22.36
C ILE B 51 -5.76 -11.93 23.83
N HIS B 52 -5.58 -10.72 24.37
CA HIS B 52 -6.02 -10.38 25.72
C HIS B 52 -5.45 -11.35 26.77
N THR B 53 -4.13 -11.47 26.76
CA THR B 53 -3.38 -12.25 27.74
C THR B 53 -2.29 -11.38 28.34
N PRO B 54 -1.84 -11.71 29.56
CA PRO B 54 -0.69 -11.00 30.13
C PRO B 54 0.49 -10.94 29.17
N LEU B 55 0.85 -9.75 28.72
CA LEU B 55 1.87 -9.57 27.70
C LEU B 55 3.25 -9.69 28.35
N LEU B 56 3.93 -10.80 28.08
CA LEU B 56 5.29 -10.97 28.58
C LEU B 56 6.24 -10.05 27.82
N ASP B 57 7.31 -9.64 28.51
CA ASP B 57 8.26 -8.70 27.93
C ASP B 57 9.02 -9.28 26.75
N SER B 58 9.16 -10.61 26.66
CA SER B 58 9.90 -11.20 25.56
C SER B 58 9.21 -10.94 24.22
N GLU B 59 7.92 -11.28 24.14
CA GLU B 59 7.21 -11.05 22.89
C GLU B 59 6.98 -9.56 22.65
N ARG B 60 6.89 -8.77 23.72
CA ARG B 60 6.79 -7.32 23.56
C ARG B 60 8.03 -6.76 22.88
N LYS B 61 9.21 -7.18 23.35
CA LYS B 61 10.45 -6.75 22.70
C LYS B 61 10.54 -7.29 21.29
N ASP B 62 10.07 -8.53 21.07
CA ASP B 62 10.11 -9.12 19.73
C ASP B 62 9.29 -8.29 18.75
N VAL B 63 8.05 -7.98 19.11
CA VAL B 63 7.20 -7.19 18.22
C VAL B 63 7.72 -5.77 18.09
N LEU B 64 8.30 -5.21 19.15
CA LEU B 64 8.86 -3.87 19.08
C LEU B 64 9.99 -3.81 18.06
N ARG B 65 10.95 -4.73 18.16
CA ARG B 65 12.05 -4.74 17.21
C ARG B 65 11.56 -5.10 15.81
N GLU B 66 10.52 -5.93 15.70
CA GLU B 66 9.94 -6.21 14.40
C GLU B 66 9.42 -4.93 13.75
N ALA B 67 8.63 -4.16 14.50
CA ALA B 67 8.11 -2.90 13.97
C ALA B 67 9.24 -1.95 13.62
N GLU B 68 10.27 -1.89 14.47
CA GLU B 68 11.37 -0.97 14.22
C GLU B 68 12.12 -1.33 12.94
N ILE B 69 12.42 -2.61 12.74
CA ILE B 69 13.16 -3.01 11.54
C ILE B 69 12.30 -2.82 10.31
N LEU B 70 10.99 -3.08 10.41
CA LEU B 70 10.11 -2.86 9.26
C LEU B 70 10.04 -1.38 8.91
N HIS B 71 10.01 -0.52 9.92
CA HIS B 71 9.93 0.91 9.66
C HIS B 71 11.25 1.48 9.14
N LYS B 72 12.38 0.91 9.58
CA LYS B 72 13.68 1.47 9.23
C LYS B 72 13.96 1.35 7.74
N ALA B 73 13.70 0.17 7.17
CA ALA B 73 14.00 -0.10 5.76
C ALA B 73 12.72 -0.62 5.10
N ARG B 74 12.06 0.25 4.34
CA ARG B 74 10.84 -0.09 3.64
C ARG B 74 11.05 0.05 2.14
N PHE B 75 10.67 -0.98 1.40
CA PHE B 75 10.80 -1.02 -0.05
C PHE B 75 9.42 -1.09 -0.69
N SER B 76 9.32 -0.57 -1.92
CA SER B 76 8.04 -0.63 -2.62
C SER B 76 7.64 -2.05 -2.97
N TYR B 77 8.57 -3.00 -2.94
CA TYR B 77 8.29 -4.38 -3.26
C TYR B 77 8.12 -5.24 -2.02
N ILE B 78 8.15 -4.65 -0.83
CA ILE B 78 7.83 -5.34 0.41
C ILE B 78 6.58 -4.71 0.99
N LEU B 79 5.87 -5.47 1.80
CA LEU B 79 4.60 -5.00 2.35
C LEU B 79 4.89 -3.94 3.41
N PRO B 80 4.37 -2.71 3.27
CA PRO B 80 4.62 -1.68 4.27
C PRO B 80 3.92 -1.99 5.58
N ILE B 81 4.38 -1.31 6.63
CA ILE B 81 3.85 -1.46 7.98
C ILE B 81 3.05 -0.22 8.33
N LEU B 82 1.86 -0.42 8.89
CA LEU B 82 1.01 0.68 9.29
C LEU B 82 1.26 1.11 10.74
N GLY B 83 1.24 0.17 11.67
CA GLY B 83 1.47 0.52 13.05
C GLY B 83 1.28 -0.68 13.96
N ILE B 84 1.26 -0.39 15.26
CA ILE B 84 1.05 -1.40 16.29
C ILE B 84 0.05 -0.88 17.32
N CYS B 85 -0.48 -1.79 18.12
CA CYS B 85 -1.38 -1.46 19.21
C CYS B 85 -0.69 -1.82 20.52
N ASN B 86 -0.29 -0.80 21.27
CA ASN B 86 0.37 -1.00 22.57
C ASN B 86 -0.65 -1.13 23.69
N GLU B 87 -1.60 -2.04 23.52
CA GLU B 87 -2.62 -2.26 24.53
C GLU B 87 -2.00 -2.97 25.74
N PRO B 88 -2.51 -2.68 26.93
CA PRO B 88 -1.97 -3.35 28.13
C PRO B 88 -2.20 -4.85 28.15
N GLU B 89 -3.14 -5.36 27.35
CA GLU B 89 -3.47 -6.79 27.38
C GLU B 89 -3.41 -7.48 26.02
N PHE B 90 -3.49 -6.75 24.91
CA PHE B 90 -3.48 -7.35 23.58
C PHE B 90 -2.35 -6.77 22.75
N LEU B 91 -1.68 -7.64 22.01
CA LEU B 91 -0.56 -7.25 21.15
C LEU B 91 -0.85 -7.72 19.73
N GLY B 92 -0.70 -6.82 18.76
CA GLY B 92 -0.93 -7.16 17.38
C GLY B 92 -0.30 -6.18 16.41
N ILE B 93 0.28 -6.69 15.33
CA ILE B 93 0.88 -5.84 14.31
C ILE B 93 -0.18 -5.42 13.30
N VAL B 94 -0.25 -4.12 13.03
CA VAL B 94 -1.18 -3.58 12.05
C VAL B 94 -0.38 -3.28 10.79
N THR B 95 -0.65 -4.01 9.72
CA THR B 95 0.03 -3.83 8.45
C THR B 95 -1.00 -3.78 7.33
N GLU B 96 -0.59 -3.20 6.21
CA GLU B 96 -1.52 -2.97 5.11
C GLU B 96 -1.99 -4.28 4.50
N TYR B 97 -3.20 -4.26 3.95
CA TYR B 97 -3.84 -5.44 3.38
C TYR B 97 -3.81 -5.32 1.87
N MET B 98 -3.12 -6.24 1.21
CA MET B 98 -3.16 -6.33 -0.24
C MET B 98 -4.30 -7.24 -0.63
N PRO B 99 -5.30 -6.74 -1.36
CA PRO B 99 -6.59 -7.47 -1.44
C PRO B 99 -6.50 -8.88 -2.01
N ASN B 100 -5.64 -9.12 -3.00
CA ASN B 100 -5.62 -10.44 -3.62
C ASN B 100 -4.97 -11.48 -2.73
N GLY B 101 -4.16 -11.05 -1.77
CA GLY B 101 -3.61 -11.97 -0.80
C GLY B 101 -2.21 -12.46 -1.12
N SER B 102 -1.93 -13.71 -0.77
CA SER B 102 -0.61 -14.31 -0.91
C SER B 102 -0.64 -15.41 -1.95
N LEU B 103 0.52 -16.00 -2.19
CA LEU B 103 0.69 -17.07 -3.15
C LEU B 103 0.49 -18.46 -2.55
N ASN B 104 0.32 -18.55 -1.22
CA ASN B 104 0.25 -19.87 -0.59
C ASN B 104 -0.94 -20.67 -1.08
N GLU B 105 -2.13 -20.07 -1.03
CA GLU B 105 -3.30 -20.74 -1.60
C GLU B 105 -3.33 -20.62 -3.12
N LEU B 106 -2.73 -19.56 -3.67
CA LEU B 106 -2.67 -19.41 -5.12
C LEU B 106 -1.88 -20.55 -5.76
N LEU B 107 -0.78 -20.93 -5.13
CA LEU B 107 0.08 -21.99 -5.65
C LEU B 107 -0.32 -23.38 -5.16
N HIS B 108 -1.32 -23.48 -4.29
CA HIS B 108 -1.71 -24.77 -3.73
C HIS B 108 -3.23 -24.90 -3.70
N ARG B 109 -3.89 -24.47 -4.79
CA ARG B 109 -5.33 -24.70 -4.97
C ARG B 109 -5.55 -24.98 -6.46
N LYS B 110 -5.54 -26.26 -6.82
CA LYS B 110 -5.74 -26.62 -8.21
C LYS B 110 -7.18 -26.35 -8.65
N THR B 111 -8.15 -26.57 -7.75
CA THR B 111 -9.54 -26.32 -8.10
C THR B 111 -9.79 -24.83 -8.34
N GLU B 112 -9.21 -23.97 -7.51
CA GLU B 112 -9.38 -22.54 -7.70
C GLU B 112 -8.51 -22.01 -8.83
N TYR B 113 -7.30 -22.53 -8.98
CA TYR B 113 -6.35 -22.08 -10.00
C TYR B 113 -5.83 -23.28 -10.76
N PRO B 114 -6.63 -23.83 -11.69
CA PRO B 114 -6.13 -24.93 -12.52
C PRO B 114 -4.95 -24.54 -13.40
N ASP B 115 -4.90 -23.30 -13.87
CA ASP B 115 -3.83 -22.85 -14.75
C ASP B 115 -3.48 -21.40 -14.44
N VAL B 116 -2.19 -21.09 -14.46
CA VAL B 116 -1.69 -19.73 -14.27
C VAL B 116 -0.65 -19.46 -15.35
N ALA B 117 -0.82 -18.34 -16.05
CA ALA B 117 0.02 -18.05 -17.21
C ALA B 117 1.47 -17.79 -16.80
N TRP B 118 2.40 -18.35 -17.57
CA TRP B 118 3.83 -18.22 -17.31
C TRP B 118 4.39 -16.81 -17.48
N PRO B 119 3.79 -15.91 -18.29
CA PRO B 119 4.28 -14.52 -18.27
C PRO B 119 4.25 -13.89 -16.89
N LEU B 120 3.08 -13.89 -16.23
CA LEU B 120 3.02 -13.39 -14.86
C LEU B 120 3.84 -14.27 -13.92
N ARG B 121 3.83 -15.59 -14.15
CA ARG B 121 4.60 -16.51 -13.31
C ARG B 121 6.07 -16.13 -13.26
N PHE B 122 6.59 -15.54 -14.35
CA PHE B 122 7.97 -15.10 -14.36
C PHE B 122 8.13 -13.62 -14.02
N ARG B 123 7.09 -12.80 -14.23
CA ARG B 123 7.19 -11.39 -13.90
C ARG B 123 7.19 -11.17 -12.39
N ILE B 124 6.33 -11.89 -11.67
CA ILE B 124 6.37 -11.81 -10.21
C ILE B 124 7.70 -12.30 -9.67
N LEU B 125 8.35 -13.22 -10.39
CA LEU B 125 9.71 -13.61 -10.03
C LEU B 125 10.66 -12.42 -10.14
N HIS B 126 10.50 -11.59 -11.17
CA HIS B 126 11.32 -10.39 -11.27
C HIS B 126 11.06 -9.45 -10.11
N GLU B 127 9.79 -9.27 -9.74
CA GLU B 127 9.49 -8.41 -8.59
C GLU B 127 10.15 -8.93 -7.31
N ILE B 128 9.99 -10.22 -7.03
CA ILE B 128 10.53 -10.75 -5.78
C ILE B 128 12.06 -10.71 -5.80
N ALA B 129 12.66 -10.95 -6.97
CA ALA B 129 14.11 -10.84 -7.09
C ALA B 129 14.58 -9.42 -6.82
N LEU B 130 13.88 -8.42 -7.37
CA LEU B 130 14.22 -7.03 -7.10
C LEU B 130 14.12 -6.73 -5.61
N GLY B 131 13.04 -7.20 -4.97
CA GLY B 131 12.87 -6.94 -3.55
C GLY B 131 13.98 -7.54 -2.70
N VAL B 132 14.30 -8.81 -2.96
CA VAL B 132 15.31 -9.47 -2.16
C VAL B 132 16.70 -8.91 -2.44
N ASN B 133 16.96 -8.50 -3.68
CA ASN B 133 18.24 -7.88 -3.99
C ASN B 133 18.39 -6.54 -3.27
N TYR B 134 17.32 -5.76 -3.20
CA TYR B 134 17.36 -4.54 -2.40
C TYR B 134 17.56 -4.88 -0.93
N LEU B 135 16.92 -5.95 -0.47
CA LEU B 135 16.96 -6.31 0.96
C LEU B 135 18.37 -6.61 1.44
N HIS B 136 19.29 -6.96 0.53
CA HIS B 136 20.68 -7.17 0.89
C HIS B 136 21.56 -5.97 0.56
N ASN B 137 21.00 -4.91 -0.01
CA ASN B 137 21.78 -3.74 -0.35
C ASN B 137 21.99 -2.80 0.82
N MET B 138 21.22 -2.94 1.90
CA MET B 138 21.31 -2.03 3.03
C MET B 138 22.27 -2.63 4.06
N THR B 139 23.32 -1.89 4.38
CA THR B 139 24.37 -2.32 5.30
C THR B 139 23.90 -2.18 6.75
N PRO B 140 24.02 -3.23 7.56
CA PRO B 140 24.51 -4.58 7.24
C PRO B 140 23.43 -5.39 6.54
N PRO B 141 23.80 -6.30 5.64
CA PRO B 141 22.80 -7.03 4.87
C PRO B 141 21.84 -7.80 5.78
N LEU B 142 20.57 -7.79 5.40
CA LEU B 142 19.53 -8.45 6.17
C LEU B 142 19.31 -9.85 5.62
N LEU B 143 19.18 -10.81 6.52
CA LEU B 143 18.90 -12.21 6.15
C LEU B 143 17.49 -12.52 6.63
N HIS B 144 16.56 -12.69 5.69
CA HIS B 144 15.15 -12.82 6.04
C HIS B 144 14.89 -14.08 6.84
N HIS B 145 15.55 -15.18 6.48
CA HIS B 145 15.52 -16.45 7.22
C HIS B 145 14.18 -17.17 7.12
N ASP B 146 13.16 -16.50 6.58
CA ASP B 146 11.82 -17.09 6.55
C ASP B 146 11.09 -16.76 5.25
N LEU B 147 11.82 -16.49 4.19
CA LEU B 147 11.21 -16.10 2.91
C LEU B 147 10.65 -17.34 2.24
N LYS B 148 9.32 -17.40 2.14
CA LYS B 148 8.65 -18.55 1.53
C LYS B 148 7.48 -18.04 0.71
N THR B 149 6.66 -18.98 0.24
CA THR B 149 5.51 -18.64 -0.59
C THR B 149 4.43 -17.91 0.21
N GLN B 150 4.29 -18.23 1.50
CA GLN B 150 3.33 -17.53 2.34
C GLN B 150 3.70 -16.05 2.46
N ASN B 151 4.96 -15.77 2.82
CA ASN B 151 5.38 -14.40 3.09
C ASN B 151 5.19 -13.50 1.88
N ILE B 152 5.43 -14.03 0.68
CA ILE B 152 5.25 -13.26 -0.54
C ILE B 152 3.76 -13.17 -0.83
N LEU B 153 3.25 -11.95 -0.99
CA LEU B 153 1.82 -11.70 -1.12
C LEU B 153 1.59 -10.61 -2.16
N LEU B 154 0.42 -10.67 -2.80
CA LEU B 154 0.13 -9.87 -3.98
C LEU B 154 -1.08 -8.96 -3.74
N ASP B 155 -1.06 -7.81 -4.42
CA ASP B 155 -2.15 -6.85 -4.34
C ASP B 155 -3.15 -7.12 -5.47
N ASN B 156 -4.07 -6.16 -5.70
CA ASN B 156 -5.12 -6.34 -6.71
C ASN B 156 -4.55 -6.76 -8.06
N GLU B 157 -3.55 -6.03 -8.55
CA GLU B 157 -2.96 -6.28 -9.85
C GLU B 157 -1.80 -7.26 -9.78
N PHE B 158 -1.80 -8.13 -8.78
CA PHE B 158 -0.83 -9.21 -8.62
C PHE B 158 0.60 -8.72 -8.42
N HIS B 159 0.78 -7.43 -8.13
CA HIS B 159 2.10 -6.97 -7.70
C HIS B 159 2.39 -7.56 -6.32
N VAL B 160 3.54 -8.21 -6.19
CA VAL B 160 3.82 -9.09 -5.08
C VAL B 160 4.71 -8.40 -4.06
N LYS B 161 4.36 -8.54 -2.78
CA LYS B 161 5.14 -7.98 -1.68
C LYS B 161 5.37 -9.06 -0.63
N ILE B 162 6.49 -8.96 0.09
CA ILE B 162 6.87 -9.91 1.11
C ILE B 162 6.68 -9.26 2.48
N ALA B 163 6.48 -10.11 3.49
CA ALA B 163 6.21 -9.64 4.84
C ALA B 163 6.74 -10.67 5.83
N ASP B 164 6.31 -10.56 7.09
CA ASP B 164 6.68 -11.49 8.16
C ASP B 164 8.20 -11.51 8.37
N PHE B 165 8.73 -10.36 8.80
CA PHE B 165 10.14 -10.21 9.11
C PHE B 165 10.45 -10.59 10.55
N GLY B 166 9.53 -11.27 11.24
CA GLY B 166 9.64 -11.43 12.68
C GLY B 166 10.89 -12.20 13.10
N LEU B 167 11.14 -13.32 12.43
CA LEU B 167 12.31 -14.14 12.74
C LEU B 167 13.52 -13.80 11.88
N SER B 168 13.43 -12.75 11.06
CA SER B 168 14.59 -12.28 10.31
C SER B 168 15.67 -11.80 11.27
N LYS B 169 16.90 -12.26 11.05
CA LYS B 169 18.02 -11.89 11.91
C LYS B 169 19.08 -11.11 11.14
N TRP B 170 19.38 -9.92 11.63
CA TRP B 170 20.38 -9.06 10.99
C TRP B 170 21.75 -9.74 11.09
N ARG B 171 22.55 -9.61 10.03
CA ARG B 171 23.87 -10.22 9.98
C ARG B 171 24.87 -9.47 10.85
N MET B 172 25.62 -10.20 11.67
CA MET B 172 26.62 -9.61 12.54
C MET B 172 27.98 -10.21 12.22
N MET B 173 29.02 -9.37 12.34
CA MET B 173 30.39 -9.77 12.01
C MET B 173 31.26 -9.89 13.25
N SER B 174 30.70 -9.83 14.45
CA SER B 174 31.46 -9.94 15.69
C SER B 174 31.65 -11.42 16.01
N LEU B 175 32.57 -12.05 15.27
CA LEU B 175 32.85 -13.46 15.46
C LEU B 175 33.55 -13.71 16.79
N THR B 189 8.63 -24.04 8.14
CA THR B 189 8.63 -25.49 8.04
C THR B 189 10.04 -26.05 8.20
N ILE B 190 10.16 -27.16 8.94
CA ILE B 190 11.46 -27.80 9.14
C ILE B 190 12.03 -28.41 7.86
N ILE B 191 11.21 -28.52 6.81
CA ILE B 191 11.72 -28.97 5.51
C ILE B 191 12.27 -27.82 4.68
N TYR B 192 12.13 -26.59 5.14
CA TYR B 192 12.61 -25.41 4.41
C TYR B 192 14.04 -25.05 4.74
N MET B 193 14.72 -25.83 5.57
CA MET B 193 16.10 -25.52 5.90
C MET B 193 17.01 -25.73 4.69
N PRO B 194 18.02 -24.90 4.52
CA PRO B 194 19.03 -25.15 3.50
C PRO B 194 20.09 -26.10 4.02
N PRO B 195 20.94 -26.64 3.15
CA PRO B 195 21.98 -27.58 3.62
C PRO B 195 22.98 -26.95 4.58
N GLU B 196 22.85 -25.65 4.82
CA GLU B 196 23.72 -24.98 5.79
C GLU B 196 23.48 -25.47 7.21
N ASN B 197 22.33 -26.07 7.48
CA ASN B 197 22.02 -26.57 8.81
C ASN B 197 21.10 -27.80 8.74
N ARG B 205 26.09 -20.39 12.03
CA ARG B 205 26.59 -19.29 11.21
C ARG B 205 25.58 -18.90 10.14
N ALA B 206 25.10 -17.66 10.23
CA ALA B 206 24.16 -17.16 9.23
C ALA B 206 24.85 -16.93 7.91
N SER B 207 24.24 -17.40 6.82
CA SER B 207 24.80 -17.27 5.48
C SER B 207 23.80 -16.53 4.60
N ILE B 208 24.29 -15.55 3.85
CA ILE B 208 23.43 -14.76 2.96
C ILE B 208 22.81 -15.63 1.87
N LYS B 209 23.46 -16.74 1.52
CA LYS B 209 23.00 -17.59 0.43
C LYS B 209 21.72 -18.35 0.76
N HIS B 210 21.27 -18.32 2.01
CA HIS B 210 19.97 -18.90 2.33
C HIS B 210 18.86 -18.17 1.59
N ASP B 211 19.01 -16.85 1.39
CA ASP B 211 18.05 -16.10 0.59
C ASP B 211 18.03 -16.58 -0.85
N ILE B 212 19.21 -16.85 -1.43
CA ILE B 212 19.29 -17.39 -2.78
C ILE B 212 18.60 -18.74 -2.84
N TYR B 213 18.83 -19.58 -1.83
CA TYR B 213 18.20 -20.90 -1.80
C TYR B 213 16.68 -20.80 -1.72
N SER B 214 16.18 -19.90 -0.87
CA SER B 214 14.74 -19.69 -0.78
C SER B 214 14.17 -19.15 -2.09
N TYR B 215 14.89 -18.24 -2.73
CA TYR B 215 14.44 -17.72 -4.02
C TYR B 215 14.36 -18.82 -5.06
N ALA B 216 15.35 -19.71 -5.09
CA ALA B 216 15.33 -20.81 -6.05
C ALA B 216 14.15 -21.74 -5.80
N VAL B 217 13.91 -22.10 -4.53
CA VAL B 217 12.82 -23.03 -4.26
C VAL B 217 11.48 -22.40 -4.58
N ILE B 218 11.31 -21.11 -4.28
CA ILE B 218 10.03 -20.46 -4.63
C ILE B 218 9.92 -20.28 -6.14
N THR B 219 11.03 -20.08 -6.84
CA THR B 219 10.99 -19.99 -8.29
C THR B 219 10.48 -21.29 -8.90
N TRP B 220 10.93 -22.41 -8.35
CA TRP B 220 10.50 -23.72 -8.83
C TRP B 220 9.05 -23.98 -8.44
N GLU B 221 8.65 -23.47 -7.27
CA GLU B 221 7.28 -23.66 -6.79
C GLU B 221 6.28 -22.82 -7.59
N VAL B 222 6.72 -21.68 -8.12
CA VAL B 222 5.82 -20.81 -8.87
C VAL B 222 5.32 -21.53 -10.13
N LEU B 223 6.25 -21.92 -11.00
CA LEU B 223 5.85 -22.58 -12.23
C LEU B 223 5.27 -23.97 -11.96
N SER B 224 5.92 -24.74 -11.07
CA SER B 224 5.51 -26.12 -10.85
C SER B 224 4.20 -26.22 -10.08
N ARG B 225 3.94 -25.26 -9.20
CA ARG B 225 2.76 -25.28 -8.33
C ARG B 225 2.73 -26.55 -7.49
N LYS B 226 3.91 -27.01 -7.07
CA LYS B 226 4.05 -28.24 -6.29
C LYS B 226 4.77 -27.93 -4.98
N GLN B 227 4.24 -28.47 -3.90
CA GLN B 227 4.84 -28.29 -2.58
C GLN B 227 6.00 -29.27 -2.40
N PRO B 228 7.20 -28.81 -2.10
CA PRO B 228 8.29 -29.74 -1.79
C PRO B 228 7.98 -30.54 -0.54
N PHE B 229 8.62 -31.71 -0.43
CA PHE B 229 8.35 -32.68 0.63
C PHE B 229 6.88 -33.10 0.57
N GLU B 230 6.58 -33.81 -0.52
CA GLU B 230 5.24 -34.32 -0.76
C GLU B 230 5.19 -35.80 -1.11
N ASN B 234 6.76 -38.72 6.06
CA ASN B 234 7.65 -38.46 7.18
C ASN B 234 8.65 -37.37 6.83
N PRO B 235 8.69 -36.26 7.58
CA PRO B 235 9.67 -35.21 7.30
C PRO B 235 11.02 -35.43 7.99
N LEU B 236 11.17 -36.52 8.75
CA LEU B 236 12.42 -36.76 9.46
C LEU B 236 13.58 -36.98 8.50
N GLN B 237 13.34 -37.67 7.38
CA GLN B 237 14.40 -37.92 6.42
C GLN B 237 14.91 -36.66 5.75
N ILE B 238 14.12 -35.58 5.77
CA ILE B 238 14.52 -34.34 5.10
C ILE B 238 15.77 -33.75 5.76
N MET B 239 15.88 -33.89 7.09
CA MET B 239 17.05 -33.38 7.79
C MET B 239 18.33 -33.97 7.23
N TYR B 240 18.37 -35.29 7.03
CA TYR B 240 19.55 -35.95 6.48
C TYR B 240 19.58 -35.92 4.96
N SER B 241 18.50 -35.50 4.32
CA SER B 241 18.44 -35.51 2.86
C SER B 241 18.86 -34.17 2.25
N VAL B 242 18.15 -33.10 2.62
CA VAL B 242 18.44 -31.78 2.04
C VAL B 242 19.83 -31.31 2.46
N SER B 243 20.19 -31.54 3.73
CA SER B 243 21.53 -31.16 4.19
C SER B 243 22.61 -31.90 3.42
N GLN B 244 22.41 -33.20 3.19
CA GLN B 244 23.42 -33.98 2.48
C GLN B 244 23.42 -33.67 0.98
N GLY B 245 22.27 -33.27 0.42
CA GLY B 245 22.24 -32.92 -0.98
C GLY B 245 20.97 -33.29 -1.71
N HIS B 246 20.08 -34.04 -1.08
CA HIS B 246 18.83 -34.42 -1.72
C HIS B 246 17.95 -33.19 -1.94
N ARG B 247 17.25 -33.19 -3.07
CA ARG B 247 16.36 -32.11 -3.47
C ARG B 247 15.02 -32.71 -3.89
N PRO B 248 13.96 -31.89 -3.94
CA PRO B 248 12.67 -32.40 -4.40
C PRO B 248 12.78 -33.00 -5.80
N VAL B 249 12.00 -34.07 -6.02
CA VAL B 249 12.16 -34.88 -7.22
C VAL B 249 11.95 -34.06 -8.48
N ILE B 250 12.69 -34.41 -9.53
CA ILE B 250 12.60 -33.77 -10.83
C ILE B 250 11.92 -34.75 -11.76
N ASN B 251 10.72 -34.40 -12.22
CA ASN B 251 9.92 -35.27 -13.06
C ASN B 251 9.34 -34.47 -14.22
N GLU B 252 9.09 -35.17 -15.34
CA GLU B 252 8.66 -34.51 -16.56
C GLU B 252 7.27 -33.89 -16.42
N GLU B 253 6.39 -34.52 -15.65
CA GLU B 253 5.04 -33.98 -15.48
C GLU B 253 5.08 -32.62 -14.79
N SER B 254 5.94 -32.46 -13.79
CA SER B 254 6.14 -31.18 -13.14
C SER B 254 7.20 -30.32 -13.83
N LEU B 255 8.00 -30.90 -14.72
CA LEU B 255 9.02 -30.17 -15.46
C LEU B 255 8.86 -30.50 -16.94
N PRO B 256 7.88 -29.90 -17.60
CA PRO B 256 7.70 -30.12 -19.03
C PRO B 256 8.51 -29.14 -19.86
N TYR B 257 8.90 -29.59 -21.05
CA TYR B 257 9.69 -28.78 -21.96
C TYR B 257 8.86 -27.72 -22.70
N ASP B 258 7.54 -27.74 -22.54
CA ASP B 258 6.70 -26.77 -23.23
C ASP B 258 7.01 -25.35 -22.79
N ILE B 259 7.27 -25.15 -21.50
CA ILE B 259 7.60 -23.84 -20.97
C ILE B 259 8.97 -23.44 -21.52
N PRO B 260 9.08 -22.30 -22.20
CA PRO B 260 10.38 -21.87 -22.72
C PRO B 260 11.33 -21.50 -21.59
N HIS B 261 12.62 -21.54 -21.91
CA HIS B 261 13.70 -21.27 -20.95
C HIS B 261 13.62 -22.20 -19.75
N ARG B 262 13.24 -23.46 -20.00
CA ARG B 262 13.14 -24.43 -18.91
C ARG B 262 14.52 -24.77 -18.35
N ALA B 263 15.49 -25.00 -19.22
CA ALA B 263 16.83 -25.37 -18.78
C ALA B 263 17.49 -24.22 -18.02
N ARG B 264 17.21 -22.98 -18.41
CA ARG B 264 17.79 -21.84 -17.71
C ARG B 264 17.33 -21.79 -16.26
N MET B 265 16.04 -22.03 -16.02
CA MET B 265 15.55 -21.97 -14.65
C MET B 265 15.96 -23.22 -13.87
N ILE B 266 16.10 -24.37 -14.55
CA ILE B 266 16.71 -25.54 -13.92
C ILE B 266 18.11 -25.18 -13.41
N SER B 267 18.93 -24.55 -14.26
CA SER B 267 20.27 -24.15 -13.84
C SER B 267 20.20 -23.15 -12.70
N LEU B 268 19.27 -22.20 -12.77
CA LEU B 268 19.14 -21.19 -11.73
C LEU B 268 18.85 -21.81 -10.38
N ILE B 269 17.89 -22.75 -10.32
CA ILE B 269 17.56 -23.34 -9.03
C ILE B 269 18.67 -24.27 -8.57
N GLU B 270 19.24 -25.08 -9.48
CA GLU B 270 20.30 -25.99 -9.07
C GLU B 270 21.50 -25.23 -8.52
N SER B 271 21.76 -24.04 -9.04
CA SER B 271 22.76 -23.17 -8.43
C SER B 271 22.22 -22.53 -7.15
N GLY B 272 20.90 -22.37 -7.05
CA GLY B 272 20.32 -21.67 -5.91
C GLY B 272 20.43 -22.45 -4.61
N TRP B 273 20.09 -23.74 -4.66
CA TRP B 273 20.09 -24.58 -3.47
C TRP B 273 21.30 -25.49 -3.41
N ALA B 274 22.46 -25.00 -3.83
CA ALA B 274 23.68 -25.79 -3.75
C ALA B 274 23.99 -26.16 -2.31
N GLN B 275 24.88 -27.15 -2.14
CA GLN B 275 25.15 -27.66 -0.81
C GLN B 275 25.79 -26.61 0.09
N ASN B 276 26.65 -25.77 -0.46
CA ASN B 276 27.32 -24.75 0.33
C ASN B 276 27.32 -23.41 -0.39
N PRO B 277 27.52 -22.31 0.35
CA PRO B 277 27.48 -20.93 -0.15
C PRO B 277 28.57 -20.47 -1.14
N ASP B 278 29.61 -21.25 -1.38
CA ASP B 278 30.67 -20.80 -2.30
C ASP B 278 30.28 -20.56 -3.77
N GLU B 279 29.44 -21.40 -4.35
CA GLU B 279 29.09 -21.26 -5.76
C GLU B 279 27.71 -20.70 -6.10
N ARG B 280 26.81 -20.59 -5.11
CA ARG B 280 25.48 -20.07 -5.39
C ARG B 280 25.60 -18.65 -5.95
N PRO B 281 24.93 -18.35 -7.05
CA PRO B 281 25.10 -17.02 -7.67
C PRO B 281 24.50 -15.92 -6.81
N SER B 282 25.09 -14.74 -6.92
CA SER B 282 24.51 -13.57 -6.29
C SER B 282 23.19 -13.23 -6.98
N PHE B 283 22.33 -12.51 -6.24
CA PHE B 283 21.00 -12.21 -6.77
C PHE B 283 21.08 -11.37 -8.03
N LEU B 284 22.15 -10.57 -8.18
CA LEU B 284 22.37 -9.87 -9.44
C LEU B 284 22.55 -10.84 -10.59
N LYS B 285 23.30 -11.91 -10.38
CA LYS B 285 23.51 -12.90 -11.44
C LYS B 285 22.23 -13.61 -11.81
N CYS B 286 21.41 -13.98 -10.82
CA CYS B 286 20.13 -14.61 -11.11
C CYS B 286 19.21 -13.66 -11.85
N LEU B 287 19.19 -12.39 -11.46
CA LEU B 287 18.39 -11.40 -12.17
C LEU B 287 18.85 -11.26 -13.62
N ILE B 288 20.16 -11.21 -13.84
CA ILE B 288 20.69 -11.11 -15.19
C ILE B 288 20.30 -12.33 -16.01
N GLU B 289 20.42 -13.53 -15.43
CA GLU B 289 20.06 -14.74 -16.14
C GLU B 289 18.58 -14.76 -16.49
N LEU B 290 17.73 -14.30 -15.57
CA LEU B 290 16.29 -14.34 -15.80
C LEU B 290 15.84 -13.26 -16.78
N GLU B 291 16.59 -12.17 -16.90
CA GLU B 291 16.17 -11.06 -17.76
C GLU B 291 15.85 -11.46 -19.20
N PRO B 292 16.69 -12.23 -19.91
CA PRO B 292 16.30 -12.64 -21.27
C PRO B 292 15.02 -13.46 -21.31
N VAL B 293 14.75 -14.23 -20.25
CA VAL B 293 13.50 -14.98 -20.19
C VAL B 293 12.32 -14.02 -20.19
N LEU B 294 12.40 -12.97 -19.37
CA LEU B 294 11.32 -12.01 -19.28
C LEU B 294 11.28 -11.04 -20.45
N ARG B 295 12.31 -10.99 -21.28
CA ARG B 295 12.25 -10.16 -22.47
C ARG B 295 11.25 -10.67 -23.50
N THR B 296 10.71 -11.88 -23.31
CA THR B 296 9.78 -12.49 -24.24
C THR B 296 8.32 -12.21 -23.92
N PHE B 297 8.03 -11.07 -23.29
CA PHE B 297 6.67 -10.74 -22.90
C PHE B 297 6.43 -9.24 -23.07
N GLU B 298 5.15 -8.88 -23.13
CA GLU B 298 4.71 -7.49 -23.16
C GLU B 298 3.65 -7.28 -22.09
N GLU B 299 3.52 -6.04 -21.63
CA GLU B 299 2.56 -5.75 -20.57
C GLU B 299 1.13 -6.05 -21.00
N ILE B 300 0.84 -5.94 -22.30
CA ILE B 300 -0.48 -6.30 -22.80
C ILE B 300 -0.74 -7.79 -22.57
N THR B 301 0.30 -8.61 -22.73
CA THR B 301 0.16 -10.03 -22.41
C THR B 301 -0.14 -10.23 -20.93
N PHE B 302 0.51 -9.46 -20.06
CA PHE B 302 0.25 -9.57 -18.63
C PHE B 302 -1.20 -9.20 -18.31
N LEU B 303 -1.70 -8.11 -18.91
CA LEU B 303 -3.07 -7.70 -18.66
C LEU B 303 -4.07 -8.72 -19.21
N GLU B 304 -3.77 -9.33 -20.35
CA GLU B 304 -4.64 -10.39 -20.85
C GLU B 304 -4.61 -11.61 -19.93
N ALA B 305 -3.44 -11.93 -19.38
CA ALA B 305 -3.28 -13.12 -18.56
C ALA B 305 -3.80 -12.95 -17.13
N VAL B 306 -3.98 -11.71 -16.67
CA VAL B 306 -4.57 -11.56 -15.34
C VAL B 306 -6.05 -11.94 -15.36
N ILE B 307 -6.71 -11.76 -16.50
CA ILE B 307 -8.13 -12.05 -16.59
C ILE B 307 -8.40 -13.54 -16.41
N GLN B 308 -7.57 -14.40 -17.03
CA GLN B 308 -7.83 -15.83 -16.96
C GLN B 308 -7.71 -16.35 -15.53
N LEU B 309 -6.77 -15.78 -14.78
CA LEU B 309 -6.50 -16.21 -13.42
C LEU B 309 -7.56 -15.62 -12.52
N LYS B 310 -7.97 -14.39 -12.80
CA LYS B 310 -8.98 -13.73 -11.99
C LYS B 310 -10.37 -14.31 -12.19
N LYS B 311 -10.59 -14.99 -13.31
CA LYS B 311 -11.88 -15.59 -13.56
C LYS B 311 -11.92 -17.08 -13.25
N THR B 312 -10.77 -17.76 -13.31
CA THR B 312 -10.73 -19.17 -12.94
C THR B 312 -10.80 -19.36 -11.44
N LYS B 313 -10.47 -18.34 -10.66
CA LYS B 313 -10.58 -18.40 -9.21
C LYS B 313 -11.97 -18.06 -8.71
N LEU B 314 -12.87 -17.65 -9.59
CA LEU B 314 -14.23 -17.29 -9.20
C LEU B 314 -15.01 -18.50 -8.69
N SER C 8 15.94 10.95 8.55
CA SER C 8 16.26 10.17 9.74
C SER C 8 15.93 8.70 9.54
N ALA C 9 16.91 7.83 9.83
CA ALA C 9 16.78 6.38 9.77
C ALA C 9 16.46 5.86 8.38
N LEU C 10 16.73 6.64 7.33
CA LEU C 10 16.46 6.19 5.97
C LEU C 10 17.74 5.72 5.30
N PRO C 11 17.64 4.75 4.38
CA PRO C 11 18.83 4.24 3.71
C PRO C 11 19.53 5.31 2.90
N THR C 12 20.85 5.22 2.83
CA THR C 12 21.68 6.11 2.04
C THR C 12 22.45 5.29 1.01
N ILE C 13 22.36 5.69 -0.26
CA ILE C 13 23.02 4.96 -1.34
C ILE C 13 23.83 5.93 -2.19
N PRO C 14 24.93 5.49 -2.79
CA PRO C 14 25.75 6.38 -3.62
C PRO C 14 25.19 6.56 -5.03
N TYR C 15 25.54 7.69 -5.63
CA TYR C 15 25.05 8.01 -6.96
C TYR C 15 25.61 7.08 -8.03
N HIS C 16 26.74 6.42 -7.76
CA HIS C 16 27.33 5.53 -8.74
C HIS C 16 26.53 4.25 -8.93
N LYS C 17 25.51 4.00 -8.09
CA LYS C 17 24.64 2.86 -8.22
C LYS C 17 23.47 3.11 -9.16
N LEU C 18 23.55 4.15 -9.99
CA LEU C 18 22.48 4.51 -10.92
C LEU C 18 23.01 4.50 -12.34
N ALA C 19 22.20 3.99 -13.26
CA ALA C 19 22.53 3.95 -14.67
C ALA C 19 21.30 4.34 -15.47
N ASP C 20 21.46 4.40 -16.80
CA ASP C 20 20.37 4.73 -17.71
C ASP C 20 19.67 6.02 -17.30
N LEU C 21 20.47 7.08 -17.13
CA LEU C 21 19.91 8.37 -16.75
C LEU C 21 19.00 8.91 -17.84
N ARG C 22 17.69 8.89 -17.60
CA ARG C 22 16.72 9.32 -18.59
C ARG C 22 15.75 10.29 -17.95
N TYR C 23 15.36 11.31 -18.72
CA TYR C 23 14.47 12.34 -18.21
C TYR C 23 13.04 11.79 -18.09
N LEU C 24 12.40 12.04 -16.96
CA LEU C 24 11.01 11.67 -16.75
C LEU C 24 10.12 12.90 -16.62
N SER C 25 10.42 13.79 -15.66
CA SER C 25 9.60 14.97 -15.45
C SER C 25 10.38 15.98 -14.63
N ARG C 26 9.90 17.21 -14.65
CA ARG C 26 10.47 18.31 -13.87
C ARG C 26 9.41 18.71 -12.83
N GLY C 27 9.61 18.28 -11.59
CA GLY C 27 8.68 18.61 -10.54
C GLY C 27 8.91 19.98 -9.94
N ALA C 28 7.89 20.47 -9.24
CA ALA C 28 8.01 21.75 -8.56
C ALA C 28 9.06 21.70 -7.45
N SER C 29 9.09 20.60 -6.69
CA SER C 29 10.05 20.43 -5.62
C SER C 29 11.38 19.86 -6.10
N GLY C 30 11.50 19.55 -7.38
CA GLY C 30 12.71 18.99 -7.94
C GLY C 30 12.37 18.04 -9.08
N THR C 31 13.29 17.93 -10.03
CA THR C 31 13.04 17.09 -11.19
C THR C 31 13.03 15.62 -10.80
N VAL C 32 12.31 14.82 -11.60
CA VAL C 32 12.25 13.38 -11.43
C VAL C 32 12.96 12.76 -12.62
N SER C 33 14.02 12.00 -12.33
CA SER C 33 14.83 11.38 -13.37
C SER C 33 14.57 9.88 -13.38
N SER C 34 14.32 9.34 -14.56
CA SER C 34 14.12 7.90 -14.74
C SER C 34 15.49 7.26 -14.89
N ALA C 35 16.08 6.88 -13.76
CA ALA C 35 17.44 6.34 -13.72
C ALA C 35 17.39 4.89 -13.25
N ARG C 36 17.96 4.00 -14.06
CA ARG C 36 18.08 2.61 -13.67
C ARG C 36 19.14 2.46 -12.60
N HIS C 37 18.88 1.60 -11.61
CA HIS C 37 19.87 1.36 -10.58
C HIS C 37 21.00 0.48 -11.12
N ALA C 38 21.98 0.20 -10.26
CA ALA C 38 23.06 -0.71 -10.60
C ALA C 38 22.94 -2.04 -9.86
N ASP C 39 22.91 -2.00 -8.52
CA ASP C 39 22.72 -3.22 -7.75
C ASP C 39 21.31 -3.77 -7.93
N TRP C 40 20.31 -2.89 -7.98
CA TRP C 40 18.94 -3.30 -8.19
C TRP C 40 18.58 -3.29 -9.67
N ARG C 41 19.15 -2.35 -10.43
CA ARG C 41 18.89 -2.23 -11.86
C ARG C 41 17.41 -2.06 -12.15
N VAL C 42 16.84 -0.98 -11.60
CA VAL C 42 15.47 -0.59 -11.87
C VAL C 42 15.42 0.92 -12.03
N GLN C 43 14.54 1.36 -12.93
CA GLN C 43 14.46 2.77 -13.28
C GLN C 43 13.83 3.58 -12.16
N VAL C 44 14.57 3.81 -11.08
CA VAL C 44 14.02 4.55 -9.96
C VAL C 44 13.75 6.00 -10.35
N ALA C 45 12.96 6.67 -9.51
CA ALA C 45 12.62 8.07 -9.72
C ALA C 45 13.51 8.92 -8.81
N VAL C 46 14.73 9.15 -9.26
CA VAL C 46 15.65 10.00 -8.51
C VAL C 46 15.15 11.44 -8.56
N LYS C 47 15.08 12.07 -7.40
CA LYS C 47 14.62 13.45 -7.28
C LYS C 47 15.79 14.34 -6.90
N HIS C 48 16.01 15.40 -7.67
CA HIS C 48 17.08 16.35 -7.41
C HIS C 48 16.77 17.63 -8.19
N LEU C 49 17.73 18.54 -8.23
CA LEU C 49 17.61 19.81 -8.93
C LEU C 49 18.49 19.81 -10.19
N GLU C 59 17.77 24.18 -1.52
CA GLU C 59 17.11 23.03 -2.12
C GLU C 59 17.55 21.72 -1.48
N ARG C 60 18.80 21.65 -1.00
CA ARG C 60 19.26 20.43 -0.34
C ARG C 60 18.48 20.20 0.95
N LYS C 61 18.35 21.24 1.79
CA LYS C 61 17.50 21.10 2.97
C LYS C 61 16.05 20.84 2.59
N ASP C 62 15.56 21.47 1.52
CA ASP C 62 14.17 21.24 1.10
C ASP C 62 13.94 19.77 0.75
N VAL C 63 14.83 19.17 -0.04
CA VAL C 63 14.64 17.77 -0.41
C VAL C 63 14.92 16.84 0.77
N LEU C 64 15.79 17.23 1.70
CA LEU C 64 15.94 16.43 2.92
C LEU C 64 14.65 16.41 3.73
N ARG C 65 14.00 17.57 3.85
CA ARG C 65 12.70 17.62 4.52
C ARG C 65 11.66 16.81 3.75
N GLU C 66 11.73 16.86 2.42
CA GLU C 66 10.82 16.06 1.60
C GLU C 66 11.00 14.57 1.89
N ALA C 67 12.24 14.11 1.95
CA ALA C 67 12.50 12.71 2.27
C ALA C 67 11.99 12.38 3.66
N GLU C 68 12.17 13.30 4.61
CA GLU C 68 11.65 13.09 5.95
C GLU C 68 10.13 12.94 5.93
N ILE C 69 9.43 13.76 5.14
CA ILE C 69 7.98 13.71 5.08
C ILE C 69 7.52 12.38 4.46
N LEU C 70 8.12 12.01 3.33
CA LEU C 70 7.74 10.74 2.71
C LEU C 70 8.05 9.55 3.61
N HIS C 71 9.07 9.67 4.46
CA HIS C 71 9.32 8.62 5.42
C HIS C 71 8.30 8.67 6.56
N LYS C 72 7.75 9.85 6.83
CA LYS C 72 6.79 9.99 7.92
C LYS C 72 5.47 9.31 7.59
N ALA C 73 4.93 9.56 6.40
CA ALA C 73 3.66 8.99 5.96
C ALA C 73 3.94 7.90 4.94
N ARG C 74 3.51 6.67 5.24
CA ARG C 74 3.85 5.51 4.43
C ARG C 74 2.59 4.67 4.24
N PHE C 75 1.93 4.86 3.10
CA PHE C 75 0.73 4.12 2.72
C PHE C 75 0.91 3.58 1.31
N SER C 76 0.17 2.51 1.00
CA SER C 76 0.25 1.92 -0.34
C SER C 76 -0.15 2.92 -1.41
N TYR C 77 -0.98 3.89 -1.07
CA TYR C 77 -1.42 4.89 -2.03
C TYR C 77 -0.46 6.07 -2.12
N ILE C 78 0.66 6.02 -1.40
CA ILE C 78 1.77 6.95 -1.56
C ILE C 78 2.98 6.14 -2.00
N LEU C 79 3.75 6.68 -2.94
CA LEU C 79 4.88 5.93 -3.46
C LEU C 79 5.90 5.74 -2.34
N PRO C 80 6.26 4.50 -2.01
CA PRO C 80 7.19 4.27 -0.90
C PRO C 80 8.57 4.81 -1.23
N ILE C 81 9.15 5.55 -0.27
CA ILE C 81 10.53 5.99 -0.42
C ILE C 81 11.45 4.79 -0.26
N LEU C 82 12.60 4.84 -0.93
CA LEU C 82 13.54 3.73 -0.91
C LEU C 82 14.92 4.09 -0.41
N GLY C 83 15.22 5.36 -0.24
CA GLY C 83 16.52 5.76 0.27
C GLY C 83 16.84 7.17 -0.16
N ILE C 84 18.06 7.58 0.17
CA ILE C 84 18.57 8.90 -0.17
C ILE C 84 19.96 8.74 -0.77
N CYS C 85 20.36 9.71 -1.59
CA CYS C 85 21.65 9.69 -2.26
C CYS C 85 22.50 10.82 -1.68
N ASN C 86 23.22 10.50 -0.59
CA ASN C 86 24.06 11.50 0.07
C ASN C 86 25.44 11.46 -0.57
N GLU C 87 25.62 12.32 -1.58
CA GLU C 87 26.90 12.48 -2.25
C GLU C 87 27.21 13.96 -2.42
N PRO C 88 28.47 14.36 -2.27
CA PRO C 88 28.80 15.79 -2.40
C PRO C 88 28.46 16.38 -3.74
N GLU C 89 28.62 15.61 -4.83
CA GLU C 89 28.38 16.14 -6.16
C GLU C 89 26.90 16.17 -6.51
N PHE C 90 26.08 15.35 -5.84
CA PHE C 90 24.68 15.25 -6.20
C PHE C 90 23.87 14.57 -5.09
N LEU C 91 22.76 15.18 -4.70
CA LEU C 91 21.88 14.64 -3.67
C LEU C 91 20.58 14.19 -4.33
N GLY C 92 20.12 12.98 -3.99
CA GLY C 92 18.95 12.43 -4.64
C GLY C 92 18.11 11.59 -3.69
N ILE C 93 16.84 11.44 -4.07
CA ILE C 93 15.87 10.64 -3.33
C ILE C 93 15.33 9.58 -4.27
N VAL C 94 15.31 8.33 -3.83
CA VAL C 94 14.99 7.19 -4.68
C VAL C 94 13.60 6.68 -4.32
N THR C 95 12.74 6.59 -5.34
CA THR C 95 11.39 6.06 -5.22
C THR C 95 11.13 5.11 -6.40
N GLU C 96 9.90 4.63 -6.49
CA GLU C 96 9.54 3.73 -7.59
C GLU C 96 9.25 4.51 -8.86
N TYR C 97 8.96 3.78 -9.94
CA TYR C 97 8.80 4.34 -11.27
C TYR C 97 7.33 4.49 -11.64
N MET C 98 7.12 5.09 -12.81
CA MET C 98 5.82 5.34 -13.41
C MET C 98 5.90 5.06 -14.91
N PRO C 99 5.41 3.91 -15.37
CA PRO C 99 5.56 3.56 -16.78
C PRO C 99 4.58 4.30 -17.68
N ASN C 100 3.36 4.49 -17.20
CA ASN C 100 2.33 5.19 -17.94
C ASN C 100 2.20 6.65 -17.53
N GLY C 101 3.02 7.12 -16.59
CA GLY C 101 3.04 8.52 -16.25
C GLY C 101 1.87 8.94 -15.38
N SER C 102 1.68 10.25 -15.30
CA SER C 102 0.67 10.85 -14.45
C SER C 102 -0.68 10.89 -15.16
N LEU C 103 -1.67 11.48 -14.49
CA LEU C 103 -3.00 11.63 -15.06
C LEU C 103 -3.04 12.66 -16.18
N ASN C 104 -2.06 13.57 -16.23
CA ASN C 104 -2.04 14.57 -17.29
C ASN C 104 -1.94 13.92 -18.66
N GLU C 105 -1.07 12.93 -18.79
CA GLU C 105 -0.96 12.21 -20.06
C GLU C 105 -2.25 11.44 -20.37
N LEU C 106 -2.91 10.92 -19.33
CA LEU C 106 -4.10 10.12 -19.56
C LEU C 106 -5.28 10.97 -20.03
N LEU C 107 -5.44 12.17 -19.48
CA LEU C 107 -6.62 12.97 -19.76
C LEU C 107 -6.37 14.16 -20.66
N HIS C 108 -5.34 14.97 -20.40
CA HIS C 108 -5.14 16.19 -21.18
C HIS C 108 -4.76 15.91 -22.62
N ARG C 109 -4.27 14.72 -22.92
CA ARG C 109 -3.88 14.34 -24.28
C ARG C 109 -4.90 13.33 -24.79
N LYS C 110 -5.79 13.79 -25.66
CA LYS C 110 -6.83 12.94 -26.23
C LYS C 110 -6.65 12.70 -27.73
N THR C 111 -5.59 13.25 -28.34
CA THR C 111 -5.39 13.07 -29.77
C THR C 111 -5.17 11.60 -30.11
N GLU C 112 -4.35 10.91 -29.33
CA GLU C 112 -4.12 9.49 -29.56
C GLU C 112 -4.77 8.62 -28.49
N TYR C 113 -5.06 9.21 -27.32
CA TYR C 113 -5.88 8.52 -26.32
C TYR C 113 -7.34 8.65 -26.72
N PRO C 114 -7.97 7.57 -27.20
CA PRO C 114 -9.34 7.70 -27.73
C PRO C 114 -10.40 7.89 -26.66
N ASP C 115 -10.35 7.10 -25.60
CA ASP C 115 -11.41 7.09 -24.59
C ASP C 115 -10.88 6.56 -23.27
N VAL C 116 -11.46 7.07 -22.18
CA VAL C 116 -11.16 6.60 -20.84
C VAL C 116 -12.46 6.21 -20.17
N ALA C 117 -12.52 4.99 -19.63
CA ALA C 117 -13.77 4.46 -19.11
C ALA C 117 -14.15 5.11 -17.78
N TRP C 118 -15.45 5.09 -17.50
CA TRP C 118 -15.95 5.61 -16.23
C TRP C 118 -15.42 4.85 -15.02
N PRO C 119 -15.38 3.51 -15.00
CA PRO C 119 -14.84 2.83 -13.81
C PRO C 119 -13.43 3.26 -13.46
N LEU C 120 -12.58 3.49 -14.45
CA LEU C 120 -11.21 3.90 -14.16
C LEU C 120 -11.18 5.24 -13.45
N ARG C 121 -11.90 6.23 -13.95
CA ARG C 121 -11.86 7.55 -13.33
C ARG C 121 -12.50 7.52 -11.94
N PHE C 122 -13.55 6.74 -11.77
CA PHE C 122 -14.17 6.63 -10.45
C PHE C 122 -13.23 5.96 -9.46
N ARG C 123 -12.52 4.92 -9.88
CA ARG C 123 -11.53 4.28 -9.02
C ARG C 123 -10.40 5.25 -8.67
N ILE C 124 -9.96 6.04 -9.64
CA ILE C 124 -8.94 7.05 -9.38
C ILE C 124 -9.43 8.03 -8.31
N LEU C 125 -10.68 8.48 -8.43
CA LEU C 125 -11.22 9.41 -7.45
C LEU C 125 -11.30 8.78 -6.06
N HIS C 126 -11.74 7.52 -5.99
CA HIS C 126 -11.81 6.85 -4.70
C HIS C 126 -10.42 6.73 -4.07
N GLU C 127 -9.42 6.38 -4.87
CA GLU C 127 -8.06 6.26 -4.36
C GLU C 127 -7.54 7.60 -3.85
N ILE C 128 -7.77 8.68 -4.60
CA ILE C 128 -7.31 9.99 -4.16
C ILE C 128 -8.01 10.39 -2.86
N ALA C 129 -9.31 10.14 -2.78
CA ALA C 129 -10.06 10.48 -1.56
C ALA C 129 -9.50 9.73 -0.36
N LEU C 130 -9.24 8.43 -0.52
CA LEU C 130 -8.67 7.66 0.58
C LEU C 130 -7.28 8.17 0.96
N GLY C 131 -6.45 8.48 -0.03
CA GLY C 131 -5.10 8.93 0.27
C GLY C 131 -5.07 10.23 1.04
N VAL C 132 -5.85 11.21 0.60
CA VAL C 132 -5.88 12.47 1.33
C VAL C 132 -6.66 12.35 2.64
N ASN C 133 -7.54 11.35 2.75
CA ASN C 133 -8.18 11.08 4.04
C ASN C 133 -7.14 10.66 5.07
N TYR C 134 -6.31 9.68 4.73
CA TYR C 134 -5.24 9.30 5.65
C TYR C 134 -4.27 10.46 5.86
N LEU C 135 -3.94 11.17 4.78
CA LEU C 135 -3.04 12.32 4.89
C LEU C 135 -3.57 13.36 5.88
N HIS C 136 -4.89 13.43 6.05
CA HIS C 136 -5.51 14.28 7.05
C HIS C 136 -5.81 13.54 8.35
N ASN C 137 -5.48 12.25 8.43
CA ASN C 137 -5.83 11.42 9.58
C ASN C 137 -4.58 10.87 10.26
N MET C 138 -3.57 11.71 10.44
CA MET C 138 -2.33 11.32 11.07
C MET C 138 -2.19 12.03 12.41
N THR C 139 -1.15 11.63 13.15
CA THR C 139 -0.91 12.16 14.50
C THR C 139 0.47 12.80 14.57
N PRO C 140 0.58 14.12 14.38
CA PRO C 140 -0.47 15.08 14.02
C PRO C 140 -0.83 14.99 12.53
N PRO C 141 -1.97 15.52 12.11
CA PRO C 141 -2.37 15.39 10.71
C PRO C 141 -1.47 16.21 9.80
N LEU C 142 -1.68 16.01 8.49
CA LEU C 142 -0.91 16.70 7.47
C LEU C 142 -1.87 17.31 6.45
N LEU C 143 -1.40 18.39 5.81
CA LEU C 143 -2.14 19.05 4.74
C LEU C 143 -1.28 19.06 3.48
N HIS C 144 -1.94 18.94 2.33
CA HIS C 144 -1.22 18.74 1.08
C HIS C 144 -0.90 20.05 0.37
N HIS C 145 -1.93 20.81 -0.03
CA HIS C 145 -1.81 22.05 -0.78
C HIS C 145 -1.09 21.89 -2.12
N ASP C 146 -0.77 20.67 -2.53
CA ASP C 146 -0.12 20.44 -3.82
C ASP C 146 -0.75 19.24 -4.51
N LEU C 147 -2.07 19.10 -4.40
CA LEU C 147 -2.79 18.01 -5.04
C LEU C 147 -3.30 18.49 -6.39
N LYS C 148 -2.69 17.99 -7.47
CA LYS C 148 -3.12 18.31 -8.82
C LYS C 148 -3.10 17.05 -9.66
N THR C 149 -3.83 17.09 -10.78
CA THR C 149 -3.91 15.92 -11.64
C THR C 149 -2.55 15.52 -12.19
N GLN C 150 -1.66 16.49 -12.44
CA GLN C 150 -0.30 16.16 -12.83
C GLN C 150 0.45 15.50 -11.69
N ASN C 151 0.13 15.86 -10.44
CA ASN C 151 0.82 15.27 -9.30
C ASN C 151 0.39 13.85 -9.04
N ILE C 152 -0.86 13.51 -9.37
CA ILE C 152 -1.33 12.15 -9.18
C ILE C 152 -0.54 11.22 -10.08
N LEU C 153 -0.11 10.09 -9.52
CA LEU C 153 0.79 9.17 -10.19
C LEU C 153 0.08 7.85 -10.43
N LEU C 154 0.17 7.36 -11.67
CA LEU C 154 -0.42 6.08 -12.05
C LEU C 154 0.67 5.04 -12.15
N ASP C 155 0.44 3.89 -11.51
CA ASP C 155 1.42 2.80 -11.53
C ASP C 155 1.27 2.02 -12.84
N ASN C 156 1.89 0.83 -12.89
CA ASN C 156 1.81 0.01 -14.09
C ASN C 156 0.37 -0.33 -14.46
N GLU C 157 -0.54 -0.31 -13.50
CA GLU C 157 -1.95 -0.58 -13.75
C GLU C 157 -2.83 0.58 -13.31
N PHE C 158 -2.28 1.80 -13.36
CA PHE C 158 -3.00 3.05 -13.15
C PHE C 158 -3.49 3.23 -11.72
N HIS C 159 -2.90 2.55 -10.74
CA HIS C 159 -3.20 2.87 -9.35
C HIS C 159 -2.58 4.20 -8.95
N VAL C 160 -3.25 4.89 -8.05
CA VAL C 160 -2.93 6.28 -7.71
C VAL C 160 -1.84 6.30 -6.65
N LYS C 161 -0.79 7.07 -6.91
CA LYS C 161 0.21 7.42 -5.92
C LYS C 161 0.34 8.93 -5.88
N ILE C 162 0.72 9.47 -4.73
CA ILE C 162 0.75 10.91 -4.50
C ILE C 162 2.17 11.32 -4.14
N ALA C 163 2.71 12.30 -4.87
CA ALA C 163 4.08 12.74 -4.69
C ALA C 163 4.17 14.26 -4.55
N ASP C 164 5.38 14.79 -4.69
CA ASP C 164 5.64 16.23 -4.61
C ASP C 164 5.04 16.89 -3.38
N PHE C 165 5.61 16.54 -2.23
CA PHE C 165 5.19 17.09 -0.94
C PHE C 165 5.79 18.46 -0.65
N GLY C 166 6.32 19.15 -1.67
CA GLY C 166 7.00 20.41 -1.44
C GLY C 166 6.11 21.46 -0.79
N LEU C 167 4.87 21.57 -1.26
CA LEU C 167 3.91 22.51 -0.68
C LEU C 167 3.17 21.90 0.50
N SER C 168 3.44 20.63 0.85
CA SER C 168 2.82 20.01 2.00
C SER C 168 3.48 20.56 3.27
N LYS C 169 2.70 21.21 4.10
CA LYS C 169 3.19 21.85 5.31
C LYS C 169 2.72 21.07 6.53
N TRP C 170 3.63 20.86 7.48
CA TRP C 170 3.29 20.13 8.69
C TRP C 170 2.24 20.91 9.48
N ARG C 171 1.22 20.21 9.94
CA ARG C 171 0.14 20.85 10.69
C ARG C 171 -0.68 19.80 11.45
N ALA C 206 -7.82 27.51 7.17
CA ALA C 206 -7.30 27.09 5.88
C ALA C 206 -7.05 25.58 5.86
N SER C 207 -6.95 24.98 7.03
CA SER C 207 -6.72 23.54 7.15
C SER C 207 -7.91 22.76 6.59
N ILE C 208 -7.61 21.64 5.92
CA ILE C 208 -8.61 20.76 5.31
C ILE C 208 -9.54 21.48 4.33
N LYS C 209 -9.03 22.51 3.68
CA LYS C 209 -9.80 23.26 2.68
C LYS C 209 -9.19 23.18 1.29
N HIS C 210 -7.91 23.52 1.17
CA HIS C 210 -7.25 23.45 -0.13
C HIS C 210 -7.22 22.03 -0.66
N ASP C 211 -6.97 21.06 0.22
CA ASP C 211 -6.88 19.67 -0.22
C ASP C 211 -8.23 19.16 -0.73
N ILE C 212 -9.31 19.43 0.00
CA ILE C 212 -10.63 18.96 -0.45
C ILE C 212 -11.07 19.72 -1.70
N TYR C 213 -10.74 21.01 -1.80
CA TYR C 213 -11.06 21.75 -3.02
C TYR C 213 -10.30 21.16 -4.21
N SER C 214 -9.04 20.79 -4.00
CA SER C 214 -8.26 20.15 -5.05
C SER C 214 -8.87 18.82 -5.45
N TYR C 215 -9.34 18.04 -4.46
CA TYR C 215 -9.98 16.77 -4.78
C TYR C 215 -11.24 17.00 -5.60
N ALA C 216 -12.03 18.02 -5.25
CA ALA C 216 -13.25 18.29 -6.02
C ALA C 216 -12.93 18.71 -7.45
N VAL C 217 -11.97 19.62 -7.63
CA VAL C 217 -11.67 20.09 -8.98
C VAL C 217 -11.07 18.97 -9.81
N ILE C 218 -10.26 18.11 -9.20
CA ILE C 218 -9.71 16.99 -9.95
C ILE C 218 -10.81 15.98 -10.28
N THR C 219 -11.80 15.82 -9.41
CA THR C 219 -12.94 14.97 -9.74
C THR C 219 -13.65 15.47 -10.98
N TRP C 220 -13.99 16.77 -10.99
CA TRP C 220 -14.66 17.33 -12.16
C TRP C 220 -13.77 17.23 -13.39
N GLU C 221 -12.46 17.37 -13.20
CA GLU C 221 -11.54 17.30 -14.32
C GLU C 221 -11.54 15.92 -14.95
N VAL C 222 -11.49 14.86 -14.13
CA VAL C 222 -11.32 13.55 -14.73
C VAL C 222 -12.66 13.02 -15.22
N LEU C 223 -13.78 13.56 -14.71
CA LEU C 223 -15.06 13.28 -15.35
C LEU C 223 -15.35 14.18 -16.55
N SER C 224 -14.56 15.24 -16.74
CA SER C 224 -14.77 16.15 -17.87
C SER C 224 -13.62 16.15 -18.87
N ARG C 225 -12.41 15.78 -18.44
CA ARG C 225 -11.24 15.70 -19.32
C ARG C 225 -10.94 17.05 -19.97
N LYS C 226 -11.29 18.14 -19.30
CA LYS C 226 -11.14 19.48 -19.84
C LYS C 226 -10.36 20.34 -18.86
N GLN C 227 -9.35 21.03 -19.37
CA GLN C 227 -8.55 21.92 -18.53
C GLN C 227 -9.45 23.04 -18.01
N PRO C 228 -9.35 23.38 -16.72
CA PRO C 228 -10.23 24.38 -16.06
C PRO C 228 -10.15 25.76 -16.70
N ARG C 247 -15.12 29.78 -12.05
CA ARG C 247 -15.49 28.42 -11.67
C ARG C 247 -15.95 27.60 -12.88
N PRO C 248 -15.51 26.35 -12.93
CA PRO C 248 -15.92 25.48 -14.04
C PRO C 248 -17.43 25.29 -14.09
N VAL C 249 -17.96 25.18 -15.31
CA VAL C 249 -19.38 24.99 -15.55
C VAL C 249 -19.66 23.49 -15.68
N ILE C 250 -20.83 23.08 -15.21
CA ILE C 250 -21.13 21.66 -15.04
C ILE C 250 -22.28 21.28 -15.96
N ASN C 251 -22.36 21.90 -17.13
CA ASN C 251 -23.48 21.65 -18.02
C ASN C 251 -23.41 20.23 -18.60
N GLU C 252 -24.39 19.89 -19.43
CA GLU C 252 -24.46 18.55 -20.00
C GLU C 252 -23.31 18.31 -20.99
N GLU C 253 -22.91 19.33 -21.73
CA GLU C 253 -21.80 19.16 -22.68
C GLU C 253 -20.52 18.77 -21.96
N SER C 254 -20.24 19.43 -20.82
CA SER C 254 -19.07 19.05 -20.03
C SER C 254 -19.33 17.76 -19.26
N LEU C 255 -20.53 17.58 -18.72
CA LEU C 255 -20.90 16.42 -17.92
C LEU C 255 -22.12 15.76 -18.56
N PRO C 256 -21.94 14.86 -19.51
CA PRO C 256 -23.09 14.25 -20.18
C PRO C 256 -23.91 13.38 -19.24
N TYR C 257 -25.19 13.23 -19.58
CA TYR C 257 -26.13 12.53 -18.71
C TYR C 257 -25.89 11.03 -18.66
N ASP C 258 -25.03 10.48 -19.52
CA ASP C 258 -24.80 9.04 -19.52
C ASP C 258 -24.05 8.57 -18.27
N ILE C 259 -23.43 9.49 -17.54
CA ILE C 259 -22.64 9.11 -16.36
C ILE C 259 -23.58 8.56 -15.29
N PRO C 260 -23.37 7.34 -14.81
CA PRO C 260 -24.21 6.81 -13.74
C PRO C 260 -24.10 7.67 -12.47
N HIS C 261 -25.24 7.84 -11.81
CA HIS C 261 -25.31 8.62 -10.56
C HIS C 261 -24.76 10.02 -10.77
N ARG C 262 -25.15 10.63 -11.89
CA ARG C 262 -24.61 11.94 -12.27
C ARG C 262 -24.94 13.00 -11.22
N ALA C 263 -26.20 13.11 -10.82
CA ALA C 263 -26.61 14.18 -9.91
C ALA C 263 -25.83 14.11 -8.60
N ARG C 264 -25.49 12.90 -8.17
CA ARG C 264 -24.63 12.74 -6.99
C ARG C 264 -23.29 13.43 -7.22
N MET C 265 -22.71 13.26 -8.41
CA MET C 265 -21.43 13.87 -8.70
C MET C 265 -21.54 15.39 -8.82
N ILE C 266 -22.66 15.88 -9.38
CA ILE C 266 -22.86 17.32 -9.44
C ILE C 266 -22.95 17.90 -8.03
N SER C 267 -23.74 17.29 -7.17
CA SER C 267 -23.81 17.75 -5.78
C SER C 267 -22.44 17.70 -5.13
N LEU C 268 -21.68 16.63 -5.40
CA LEU C 268 -20.33 16.50 -4.84
C LEU C 268 -19.43 17.65 -5.26
N ILE C 269 -19.45 18.00 -6.55
CA ILE C 269 -18.51 19.00 -7.04
C ILE C 269 -18.90 20.39 -6.54
N GLU C 270 -20.21 20.71 -6.50
CA GLU C 270 -20.58 22.00 -5.92
C GLU C 270 -20.29 22.06 -4.42
N SER C 271 -20.46 20.95 -3.70
CA SER C 271 -20.13 20.95 -2.28
C SER C 271 -18.62 21.13 -2.07
N GLY C 272 -17.81 20.49 -2.91
CA GLY C 272 -16.37 20.47 -2.66
C GLY C 272 -15.74 21.84 -2.76
N TRP C 273 -16.08 22.61 -3.80
CA TRP C 273 -15.49 23.93 -4.00
C TRP C 273 -16.39 25.04 -3.48
N ALA C 274 -17.13 24.78 -2.39
CA ALA C 274 -17.99 25.79 -1.81
C ALA C 274 -17.16 26.96 -1.27
N GLN C 275 -17.68 28.17 -1.45
CA GLN C 275 -16.96 29.36 -1.00
C GLN C 275 -16.78 29.35 0.51
N ASN C 276 -17.82 28.98 1.25
CA ASN C 276 -17.75 28.99 2.71
C ASN C 276 -16.98 27.78 3.21
N PRO C 277 -15.90 27.96 3.96
CA PRO C 277 -15.16 26.79 4.49
C PRO C 277 -15.96 25.99 5.51
N ASP C 278 -17.00 26.56 6.10
CA ASP C 278 -17.73 25.86 7.15
C ASP C 278 -18.41 24.60 6.60
N GLU C 279 -19.02 24.71 5.43
CA GLU C 279 -19.75 23.60 4.82
C GLU C 279 -18.83 22.73 3.98
N ARG C 280 -17.53 23.03 3.94
CA ARG C 280 -16.60 22.31 3.09
C ARG C 280 -16.56 20.84 3.48
N PRO C 281 -16.73 19.92 2.53
CA PRO C 281 -16.71 18.49 2.87
C PRO C 281 -15.40 18.09 3.54
N SER C 282 -15.51 17.14 4.46
CA SER C 282 -14.36 16.41 4.94
C SER C 282 -14.17 15.17 4.07
N PHE C 283 -12.91 14.74 3.94
CA PHE C 283 -12.64 13.58 3.10
C PHE C 283 -13.36 12.34 3.60
N LEU C 284 -13.47 12.19 4.93
CA LEU C 284 -14.17 11.04 5.49
C LEU C 284 -15.60 10.96 4.98
N LYS C 285 -16.33 12.07 5.06
CA LYS C 285 -17.68 12.09 4.52
C LYS C 285 -17.67 11.81 3.03
N CYS C 286 -16.63 12.27 2.33
CA CYS C 286 -16.54 12.05 0.90
C CYS C 286 -16.51 10.56 0.57
N LEU C 287 -15.62 9.84 1.24
CA LEU C 287 -15.47 8.40 1.03
C LEU C 287 -16.66 7.58 1.50
N ILE C 288 -17.33 8.03 2.56
CA ILE C 288 -18.46 7.27 3.07
C ILE C 288 -19.72 7.53 2.24
N GLU C 289 -19.80 8.65 1.53
CA GLU C 289 -20.90 8.82 0.58
C GLU C 289 -20.59 8.30 -0.81
N LEU C 290 -19.31 8.21 -1.18
CA LEU C 290 -18.95 7.71 -2.50
C LEU C 290 -18.86 6.19 -2.58
N GLU C 291 -18.76 5.50 -1.45
CA GLU C 291 -18.59 4.05 -1.49
C GLU C 291 -19.67 3.29 -2.26
N PRO C 292 -20.96 3.62 -2.18
CA PRO C 292 -21.93 2.84 -2.98
C PRO C 292 -21.67 2.94 -4.48
N VAL C 293 -21.13 4.06 -4.95
CA VAL C 293 -20.89 4.24 -6.38
C VAL C 293 -19.87 3.22 -6.87
N LEU C 294 -18.76 3.08 -6.15
CA LEU C 294 -17.80 2.05 -6.50
C LEU C 294 -18.30 0.66 -6.17
N ARG C 295 -19.29 0.55 -5.27
CA ARG C 295 -19.92 -0.74 -5.02
C ARG C 295 -20.76 -1.18 -6.21
N THR C 296 -21.30 -0.23 -6.98
CA THR C 296 -22.13 -0.60 -8.13
C THR C 296 -21.34 -1.37 -9.18
N PHE C 297 -20.10 -0.96 -9.44
CA PHE C 297 -19.28 -1.59 -10.46
C PHE C 297 -18.78 -2.94 -9.98
N GLU C 298 -17.93 -3.59 -10.79
CA GLU C 298 -17.32 -4.86 -10.44
C GLU C 298 -15.86 -4.82 -10.89
N GLU C 299 -15.12 -5.88 -10.53
CA GLU C 299 -13.72 -5.97 -10.89
C GLU C 299 -13.51 -6.24 -12.37
N ILE C 300 -14.52 -6.80 -13.06
CA ILE C 300 -14.35 -7.17 -14.46
C ILE C 300 -14.08 -5.93 -15.31
N THR C 301 -14.93 -4.91 -15.16
CA THR C 301 -14.71 -3.68 -15.92
C THR C 301 -13.43 -2.99 -15.48
N PHE C 302 -13.09 -3.07 -14.20
CA PHE C 302 -11.85 -2.47 -13.71
C PHE C 302 -10.63 -3.07 -14.40
N LEU C 303 -10.62 -4.40 -14.56
CA LEU C 303 -9.49 -5.07 -15.19
C LEU C 303 -9.58 -5.11 -16.70
N GLU C 304 -10.74 -4.77 -17.29
CA GLU C 304 -10.88 -4.80 -18.74
C GLU C 304 -10.71 -3.43 -19.39
N ALA C 305 -11.07 -2.35 -18.70
CA ALA C 305 -10.93 -1.02 -19.30
C ALA C 305 -9.46 -0.67 -19.49
N VAL C 306 -8.59 -1.09 -18.58
CA VAL C 306 -7.16 -0.88 -18.75
C VAL C 306 -6.65 -1.63 -19.97
N ILE C 307 -7.13 -2.86 -20.17
CA ILE C 307 -6.73 -3.65 -21.34
C ILE C 307 -7.18 -2.94 -22.61
N GLN C 308 -8.42 -2.44 -22.62
CA GLN C 308 -8.92 -1.73 -23.79
C GLN C 308 -8.07 -0.49 -24.05
N LEU C 309 -7.70 0.23 -22.99
CA LEU C 309 -6.87 1.42 -23.16
C LEU C 309 -5.53 1.05 -23.78
N LYS C 310 -4.85 0.04 -23.23
CA LYS C 310 -3.55 -0.35 -23.74
C LYS C 310 -3.64 -0.83 -25.19
N LYS C 311 -4.69 -1.60 -25.51
CA LYS C 311 -4.89 -2.03 -26.89
C LYS C 311 -5.08 -0.84 -27.82
N THR C 312 -5.83 0.16 -27.38
CA THR C 312 -6.00 1.37 -28.19
C THR C 312 -4.70 2.16 -28.31
N LYS C 313 -3.77 2.00 -27.38
CA LYS C 313 -2.50 2.70 -27.49
C LYS C 313 -1.71 2.24 -28.72
N LEU C 314 -1.71 0.95 -28.99
CA LEU C 314 -1.01 0.42 -30.16
C LEU C 314 -1.89 0.55 -31.41
ZN ZN D . -22.98 25.50 21.20
#